data_1Q9H
#
_entry.id   1Q9H
#
_cell.length_a   74.395
_cell.length_b   74.395
_cell.length_c   177.046
_cell.angle_alpha   90.00
_cell.angle_beta   90.00
_cell.angle_gamma   90.00
#
_symmetry.space_group_name_H-M   'P 41 21 2'
#
loop_
_entity.id
_entity.type
_entity.pdbx_description
1 polymer 'cellobiohydrolase I catalytic domain'
2 branched 2-acetamido-2-deoxy-beta-D-glucopyranose-(1-4)-2-acetamido-2-deoxy-beta-D-glucopyranose
3 non-polymer 2-acetamido-2-deoxy-beta-D-glucopyranose
4 water water
#
_entity_poly.entity_id   1
_entity_poly.type   'polypeptide(L)'
_entity_poly.pdbx_seq_one_letter_code
;(PCA)QAGTATAENHPPLTWQECTAPGSCTTQNGAVVLDANWRWVHDVNGYTNCYTGNTWDPTYCPDDETCAQNCALDGA
DYEGTYGVTSSGSSLKLNFVTGSNVGSRLYLLQDDSTYQIFKLLNREFSFDVDVSNLPCGLNGALYFVAMDADGGVSKYP
NNKAGAKYGTGYCDSQCPRDLKFIDGEANVEGWQPSSNNANTGIGDHGSCCAEMDVWEANSISNAVTPHPCDTPGQTMCS
GDDCGGTYSNDRYAGTCDPDGCDFNPYRMGNTSFYGPGKIIDTTKPFTVVTQFLTDDGTDTGTLSEIKRFYIQNSNVIPQ
PNSDISGVTGNSITTEFCTAQKQAFGDTDDFSQHGGLAKMGAAMQQGMVLVMSLWDDYAAQMLWLDSDYPTDADPTTPGI
ARGTCPTDSGVPSDVESQSPNSYVTYSNIKFGPINSTFTAS
;
_entity_poly.pdbx_strand_id   A
#
loop_
_chem_comp.id
_chem_comp.type
_chem_comp.name
_chem_comp.formula
NAG D-saccharide, beta linking 2-acetamido-2-deoxy-beta-D-glucopyranose 'C8 H15 N O6'
#
# COMPACT_ATOMS: atom_id res chain seq x y z
N PCA A 1 8.74 16.96 12.42
CA PCA A 1 9.82 16.21 13.10
CB PCA A 1 9.61 14.74 12.88
CG PCA A 1 8.89 14.65 11.56
CD PCA A 1 8.23 15.99 11.48
OE PCA A 1 7.35 16.21 10.67
C PCA A 1 11.20 16.57 12.59
O PCA A 1 11.40 16.90 11.40
N GLN A 2 12.18 16.48 13.47
CA GLN A 2 13.55 16.77 13.13
C GLN A 2 14.19 15.53 12.52
N ALA A 3 15.31 15.72 11.84
CA ALA A 3 16.15 14.62 11.38
C ALA A 3 17.01 14.16 12.54
N GLY A 4 17.04 12.86 12.80
CA GLY A 4 17.84 12.29 13.87
C GLY A 4 19.32 12.08 13.54
N THR A 5 20.11 11.88 14.59
CA THR A 5 21.58 11.73 14.47
C THR A 5 22.18 10.47 15.15
N ALA A 6 21.42 9.77 15.99
CA ALA A 6 21.98 8.59 16.68
C ALA A 6 22.41 7.57 15.66
N THR A 7 21.50 7.27 14.73
CA THR A 7 21.75 6.34 13.63
C THR A 7 21.69 7.10 12.33
N ALA A 8 22.70 6.91 11.49
CA ALA A 8 22.70 7.62 10.22
C ALA A 8 21.74 6.93 9.27
N GLU A 9 21.22 7.69 8.32
CA GLU A 9 20.21 7.19 7.41
C GLU A 9 20.88 6.91 6.09
N ASN A 10 20.95 5.61 5.74
CA ASN A 10 21.49 5.14 4.46
C ASN A 10 20.43 4.31 3.73
N HIS A 11 19.99 4.78 2.57
CA HIS A 11 18.90 4.15 1.83
C HIS A 11 19.43 2.99 0.98
N PRO A 12 18.88 1.80 1.15
CA PRO A 12 19.28 0.66 0.34
C PRO A 12 19.02 0.91 -1.13
N PRO A 13 19.98 0.58 -1.99
CA PRO A 13 19.82 0.81 -3.43
C PRO A 13 18.92 -0.20 -4.10
N LEU A 14 18.23 0.24 -5.15
CA LEU A 14 17.33 -0.60 -5.90
C LEU A 14 17.24 -0.09 -7.32
N THR A 15 17.63 -0.91 -8.30
CA THR A 15 17.44 -0.53 -9.69
C THR A 15 16.06 -0.96 -10.21
N TRP A 16 15.56 -0.18 -11.16
CA TRP A 16 14.36 -0.48 -11.91
C TRP A 16 14.55 0.06 -13.32
N GLN A 17 13.60 -0.15 -14.22
CA GLN A 17 13.78 0.17 -15.62
C GLN A 17 12.60 0.97 -16.13
N GLU A 18 12.91 2.03 -16.86
CA GLU A 18 11.91 2.75 -17.62
C GLU A 18 12.09 2.30 -19.08
N CYS A 19 10.99 1.93 -19.75
CA CYS A 19 11.03 1.48 -21.16
C CYS A 19 10.28 2.40 -22.09
N THR A 20 10.73 2.48 -23.34
CA THR A 20 10.03 3.20 -24.42
C THR A 20 9.33 2.26 -25.40
N ALA A 21 9.78 1.02 -25.45
CA ALA A 21 9.18 0.02 -26.32
C ALA A 21 9.71 -1.35 -25.91
N PRO A 22 9.08 -2.43 -26.38
CA PRO A 22 9.49 -3.76 -25.91
C PRO A 22 10.98 -3.99 -26.22
N GLY A 23 11.72 -4.50 -25.25
CA GLY A 23 13.15 -4.76 -25.41
C GLY A 23 14.06 -3.52 -25.40
N SER A 24 13.47 -2.35 -25.21
CA SER A 24 14.20 -1.08 -25.21
C SER A 24 14.03 -0.35 -23.85
N CYS A 25 14.75 -0.83 -22.83
CA CYS A 25 14.67 -0.26 -21.49
C CYS A 25 15.99 0.29 -20.95
N THR A 26 15.88 1.30 -20.09
CA THR A 26 17.01 2.00 -19.50
C THR A 26 16.96 1.86 -17.97
N THR A 27 18.06 1.45 -17.36
CA THR A 27 18.03 1.21 -15.93
C THR A 27 18.19 2.51 -15.13
N GLN A 28 17.40 2.64 -14.07
CA GLN A 28 17.47 3.79 -13.16
C GLN A 28 18.02 3.31 -11.82
N ASN A 29 18.84 4.14 -11.20
CA ASN A 29 19.46 3.82 -9.93
C ASN A 29 18.67 4.45 -8.79
N GLY A 30 17.63 3.71 -8.39
CA GLY A 30 16.78 4.14 -7.30
C GLY A 30 17.31 3.67 -5.97
N ALA A 31 16.54 3.97 -4.95
CA ALA A 31 16.81 3.54 -3.58
C ALA A 31 15.47 3.51 -2.85
N VAL A 32 15.41 2.91 -1.67
CA VAL A 32 14.18 2.91 -0.89
C VAL A 32 14.41 3.50 0.47
N VAL A 33 13.33 4.00 1.07
CA VAL A 33 13.38 4.60 2.40
C VAL A 33 12.25 4.07 3.28
N LEU A 34 12.56 3.77 4.53
CA LEU A 34 11.59 3.27 5.50
C LEU A 34 10.63 4.38 5.96
N ASP A 35 9.35 4.05 6.04
CA ASP A 35 8.34 4.97 6.47
C ASP A 35 8.66 5.45 7.88
N ALA A 36 8.30 6.70 8.14
CA ALA A 36 8.61 7.39 9.39
C ALA A 36 8.13 6.68 10.65
N ASN A 37 6.98 5.98 10.56
CA ASN A 37 6.33 5.30 11.71
C ASN A 37 7.03 4.10 12.31
N TRP A 38 7.93 3.48 11.56
CA TRP A 38 8.71 2.35 12.06
C TRP A 38 9.97 2.81 12.80
N ARG A 39 10.25 4.10 12.76
CA ARG A 39 11.51 4.62 13.27
C ARG A 39 11.46 4.92 14.75
N TRP A 40 12.62 4.93 15.38
CA TRP A 40 12.76 5.36 16.76
C TRP A 40 12.71 6.88 16.79
N VAL A 41 11.82 7.46 17.59
CA VAL A 41 11.74 8.91 17.72
C VAL A 41 12.38 9.37 19.03
N HIS A 42 13.46 10.12 18.92
CA HIS A 42 14.22 10.57 20.08
C HIS A 42 14.29 12.08 20.15
N ASP A 43 14.53 12.60 21.36
CA ASP A 43 14.65 14.03 21.55
C ASP A 43 15.93 14.53 20.87
N VAL A 44 15.89 15.75 20.38
CA VAL A 44 16.91 16.28 19.50
C VAL A 44 18.25 16.43 20.21
N ASN A 45 18.21 16.67 21.53
CA ASN A 45 19.40 17.02 22.33
C ASN A 45 20.19 15.85 22.96
N GLY A 46 19.49 14.81 23.39
CA GLY A 46 20.12 13.60 23.88
C GLY A 46 19.69 12.39 23.05
N TYR A 47 19.47 11.28 23.73
CA TYR A 47 19.02 10.07 23.09
C TYR A 47 17.81 9.47 23.86
N THR A 48 16.85 10.32 24.23
CA THR A 48 15.69 9.90 25.01
C THR A 48 14.43 9.80 24.15
N ASN A 49 13.64 8.76 24.43
CA ASN A 49 12.36 8.49 23.77
C ASN A 49 11.36 9.62 23.96
N CYS A 50 10.89 10.21 22.85
CA CYS A 50 9.70 11.04 22.89
C CYS A 50 8.48 10.14 22.89
N TYR A 51 8.62 8.98 22.26
CA TYR A 51 7.56 7.97 22.20
C TYR A 51 8.04 6.71 22.93
N THR A 52 7.27 6.28 23.93
CA THR A 52 7.62 5.17 24.82
C THR A 52 6.50 4.14 24.81
N GLY A 53 6.70 3.06 24.04
CA GLY A 53 5.77 1.95 23.98
C GLY A 53 4.49 2.21 23.20
N ASN A 54 3.51 2.79 23.86
CA ASN A 54 2.31 3.28 23.18
C ASN A 54 1.84 4.66 23.71
N THR A 55 2.80 5.46 24.15
CA THR A 55 2.48 6.72 24.83
C THR A 55 3.50 7.80 24.49
N TRP A 56 3.05 9.04 24.51
CA TRP A 56 3.92 10.18 24.35
C TRP A 56 4.49 10.60 25.71
N ASP A 57 5.75 11.00 25.69
CA ASP A 57 6.43 11.50 26.87
C ASP A 57 6.14 13.00 27.00
N PRO A 58 5.34 13.39 27.99
CA PRO A 58 4.85 14.78 28.08
C PRO A 58 5.91 15.84 28.35
N THR A 59 7.07 15.47 28.87
CA THR A 59 8.14 16.44 29.08
C THR A 59 8.59 17.03 27.73
N TYR A 60 8.65 16.19 26.70
CA TYR A 60 9.06 16.60 25.36
C TYR A 60 7.90 16.89 24.42
N CYS A 61 6.76 16.27 24.69
CA CYS A 61 5.61 16.31 23.81
C CYS A 61 4.33 16.68 24.58
N PRO A 62 4.30 17.89 25.15
CA PRO A 62 3.10 18.41 25.82
C PRO A 62 1.99 18.78 24.85
N ASP A 63 2.35 19.13 23.62
CA ASP A 63 1.38 19.35 22.53
C ASP A 63 1.94 18.96 21.16
N ASP A 64 1.05 18.91 20.16
CA ASP A 64 1.39 18.50 18.80
C ASP A 64 2.62 19.20 18.21
N GLU A 65 2.68 20.50 18.40
CA GLU A 65 3.69 21.37 17.78
C GLU A 65 5.05 21.22 18.46
N THR A 66 5.05 21.37 19.77
CA THR A 66 6.27 21.30 20.58
C THR A 66 6.99 19.96 20.41
N CYS A 67 6.21 18.90 20.43
CA CYS A 67 6.70 17.55 20.16
C CYS A 67 7.51 17.51 18.88
N ALA A 68 6.96 18.09 17.82
CA ALA A 68 7.57 18.11 16.51
C ALA A 68 8.87 18.90 16.45
N GLN A 69 8.97 19.93 17.28
CA GLN A 69 10.17 20.76 17.34
C GLN A 69 11.24 20.07 18.18
N ASN A 70 10.82 19.29 19.18
CA ASN A 70 11.75 18.64 20.12
C ASN A 70 12.22 17.25 19.71
N CYS A 71 11.51 16.61 18.78
CA CYS A 71 11.70 15.19 18.50
C CYS A 71 12.13 14.93 17.09
N ALA A 72 12.87 13.83 16.92
CA ALA A 72 13.59 13.54 15.70
C ALA A 72 13.35 12.10 15.29
N LEU A 73 13.21 11.87 14.00
CA LEU A 73 13.12 10.53 13.47
C LEU A 73 14.52 10.00 13.25
N ASP A 74 14.86 8.91 13.90
CA ASP A 74 16.20 8.35 13.76
C ASP A 74 16.40 7.64 12.43
N GLY A 75 17.64 7.52 11.99
CA GLY A 75 18.01 6.62 10.90
C GLY A 75 17.69 5.18 11.23
N ALA A 76 17.73 4.31 10.21
CA ALA A 76 17.29 2.91 10.32
C ALA A 76 18.40 1.97 9.92
N ASP A 77 18.58 0.92 10.72
CA ASP A 77 19.43 -0.20 10.37
C ASP A 77 18.50 -1.18 9.62
N TYR A 78 18.54 -1.08 8.30
CA TYR A 78 17.60 -1.73 7.40
C TYR A 78 17.63 -3.26 7.45
N GLU A 79 18.81 -3.82 7.32
CA GLU A 79 19.01 -5.27 7.38
C GLU A 79 18.73 -5.80 8.77
N GLY A 80 19.46 -5.28 9.74
CA GLY A 80 19.51 -5.84 11.08
C GLY A 80 18.33 -5.53 11.97
N THR A 81 17.69 -4.39 11.82
CA THR A 81 16.52 -4.10 12.67
C THR A 81 15.18 -4.38 11.97
N TYR A 82 15.11 -4.12 10.67
CA TYR A 82 13.85 -4.13 9.93
C TYR A 82 13.75 -5.22 8.89
N GLY A 83 14.81 -5.99 8.73
CA GLY A 83 14.79 -7.15 7.84
C GLY A 83 14.57 -6.80 6.36
N VAL A 84 15.06 -5.63 5.96
CA VAL A 84 15.01 -5.18 4.56
C VAL A 84 16.38 -5.35 3.92
N THR A 85 16.48 -6.12 2.84
CA THR A 85 17.72 -6.19 2.05
C THR A 85 17.43 -6.03 0.56
N SER A 86 18.31 -5.35 -0.15
CA SER A 86 18.24 -5.24 -1.60
C SER A 86 19.44 -5.91 -2.22
N SER A 87 19.32 -6.34 -3.45
CA SER A 87 20.46 -6.94 -4.13
C SER A 87 20.80 -6.15 -5.35
N GLY A 88 20.07 -6.30 -6.44
CA GLY A 88 20.31 -5.42 -7.58
C GLY A 88 18.99 -4.74 -7.87
N SER A 89 18.25 -5.30 -8.81
CA SER A 89 16.87 -4.93 -9.07
C SER A 89 15.89 -5.66 -8.18
N SER A 90 16.33 -6.25 -7.07
CA SER A 90 15.40 -6.96 -6.21
C SER A 90 15.44 -6.53 -4.71
N LEU A 91 14.26 -6.49 -4.09
CA LEU A 91 14.07 -6.02 -2.73
C LEU A 91 13.39 -7.12 -1.92
N LYS A 92 13.97 -7.50 -0.78
CA LYS A 92 13.41 -8.53 0.09
C LYS A 92 12.93 -7.95 1.43
N LEU A 93 11.65 -8.16 1.73
CA LEU A 93 11.10 -7.81 3.02
C LEU A 93 10.81 -9.05 3.86
N ASN A 94 11.51 -9.14 4.99
CA ASN A 94 11.28 -10.14 6.01
C ASN A 94 10.18 -9.73 6.98
N PHE A 95 9.41 -10.69 7.44
CA PHE A 95 8.26 -10.39 8.27
C PHE A 95 8.64 -9.93 9.69
N VAL A 96 9.26 -10.81 10.47
CA VAL A 96 9.60 -10.53 11.87
C VAL A 96 11.12 -10.54 12.00
N THR A 97 11.65 -9.45 12.56
CA THR A 97 13.08 -9.28 12.84
C THR A 97 13.17 -8.75 14.28
N GLY A 98 13.65 -9.58 15.21
CA GLY A 98 13.67 -9.20 16.60
C GLY A 98 12.25 -8.90 17.03
N SER A 99 12.04 -7.68 17.50
CA SER A 99 10.70 -7.22 17.87
C SER A 99 10.04 -6.29 16.81
N ASN A 100 10.69 -6.12 15.67
CA ASN A 100 10.05 -5.46 14.54
C ASN A 100 9.13 -6.39 13.75
N VAL A 101 7.95 -5.88 13.42
CA VAL A 101 7.03 -6.58 12.54
C VAL A 101 6.83 -5.80 11.22
N GLY A 102 7.34 -6.37 10.13
CA GLY A 102 7.06 -5.84 8.80
C GLY A 102 7.72 -4.50 8.49
N SER A 103 7.23 -3.87 7.43
CA SER A 103 7.81 -2.62 6.96
C SER A 103 6.99 -1.97 5.84
N ARG A 104 7.21 -0.68 5.62
CA ARG A 104 6.63 0.05 4.49
C ARG A 104 7.73 0.92 3.93
N LEU A 105 7.95 0.84 2.63
CA LEU A 105 9.04 1.54 1.97
C LEU A 105 8.54 2.27 0.74
N TYR A 106 9.21 3.37 0.42
CA TYR A 106 8.86 4.19 -0.74
C TYR A 106 10.05 4.22 -1.66
N LEU A 107 9.82 4.30 -2.96
CA LEU A 107 10.93 4.36 -3.88
C LEU A 107 11.35 5.80 -4.08
N LEU A 108 12.66 6.06 -4.00
CA LEU A 108 13.24 7.40 -4.13
C LEU A 108 13.82 7.66 -5.50
N GLN A 109 13.59 8.88 -5.97
CA GLN A 109 14.31 9.44 -7.10
C GLN A 109 15.73 9.84 -6.67
N ASP A 110 15.84 10.53 -5.55
CA ASP A 110 17.12 10.82 -4.95
C ASP A 110 16.91 10.84 -3.46
N ASP A 111 17.91 11.28 -2.69
CA ASP A 111 17.97 10.98 -1.27
C ASP A 111 17.00 11.81 -0.46
N SER A 112 16.35 12.76 -1.12
CA SER A 112 15.40 13.68 -0.53
C SER A 112 14.08 13.79 -1.30
N THR A 113 13.83 12.90 -2.24
CA THR A 113 12.71 13.06 -3.17
C THR A 113 12.16 11.72 -3.58
N TYR A 114 10.88 11.50 -3.30
CA TYR A 114 10.19 10.32 -3.79
C TYR A 114 10.10 10.33 -5.32
N GLN A 115 10.25 9.16 -5.93
CA GLN A 115 9.99 9.03 -7.36
C GLN A 115 8.49 9.15 -7.64
N ILE A 116 8.15 10.07 -8.54
CA ILE A 116 6.79 10.29 -8.97
C ILE A 116 6.52 9.51 -10.26
N PHE A 117 5.43 8.74 -10.23
CA PHE A 117 4.95 8.01 -11.39
C PHE A 117 3.66 8.63 -11.86
N LYS A 118 3.58 8.89 -13.15
CA LYS A 118 2.37 9.36 -13.79
C LYS A 118 1.85 8.18 -14.58
N LEU A 119 0.80 7.57 -14.07
CA LEU A 119 0.40 6.23 -14.51
C LEU A 119 -0.57 6.19 -15.70
N LEU A 120 -1.20 7.31 -16.02
CA LEU A 120 -2.19 7.33 -17.10
C LEU A 120 -1.56 6.93 -18.43
N ASN A 121 -2.24 6.04 -19.15
CA ASN A 121 -1.78 5.53 -20.41
C ASN A 121 -0.39 4.94 -20.30
N ARG A 122 -0.12 4.31 -19.16
CA ARG A 122 1.13 3.59 -18.93
C ARG A 122 0.86 2.22 -18.34
N GLU A 123 1.90 1.41 -18.33
CA GLU A 123 1.86 0.11 -17.72
C GLU A 123 3.01 -0.10 -16.75
N PHE A 124 2.73 -0.84 -15.69
CA PHE A 124 3.65 -1.09 -14.61
C PHE A 124 3.73 -2.59 -14.41
N SER A 125 4.95 -3.07 -14.28
CA SER A 125 5.18 -4.47 -14.23
C SER A 125 6.28 -4.79 -13.22
N PHE A 126 6.17 -5.94 -12.57
CA PHE A 126 7.14 -6.37 -11.57
C PHE A 126 7.06 -7.86 -11.41
N ASP A 127 8.17 -8.49 -11.04
CA ASP A 127 8.19 -9.90 -10.65
C ASP A 127 8.05 -10.01 -9.14
N VAL A 128 7.42 -11.09 -8.68
CA VAL A 128 7.14 -11.24 -7.26
C VAL A 128 7.21 -12.69 -6.86
N ASP A 129 7.68 -12.94 -5.66
CA ASP A 129 7.67 -14.27 -5.08
C ASP A 129 6.93 -14.18 -3.75
N VAL A 130 5.72 -14.73 -3.72
CA VAL A 130 4.82 -14.76 -2.56
C VAL A 130 4.68 -16.18 -1.98
N SER A 131 5.49 -17.12 -2.46
CA SER A 131 5.51 -18.50 -1.97
C SER A 131 5.70 -18.67 -0.45
N ASN A 132 6.33 -17.71 0.21
CA ASN A 132 6.57 -17.75 1.66
C ASN A 132 5.67 -16.76 2.43
N LEU A 133 4.49 -16.50 1.87
CA LEU A 133 3.47 -15.63 2.49
C LEU A 133 2.20 -16.48 2.74
N PRO A 134 2.01 -16.97 3.96
CA PRO A 134 0.80 -17.75 4.32
C PRO A 134 -0.40 -16.87 4.61
N CYS A 135 -1.53 -17.50 4.87
CA CYS A 135 -2.72 -16.81 5.41
C CYS A 135 -2.39 -15.76 6.43
N GLY A 136 -3.09 -14.64 6.36
CA GLY A 136 -2.95 -13.56 7.31
C GLY A 136 -1.91 -12.50 7.02
N LEU A 137 -1.08 -12.69 6.00
CA LEU A 137 -0.09 -11.69 5.61
C LEU A 137 -0.48 -10.99 4.28
N ASN A 138 0.03 -9.79 4.10
CA ASN A 138 -0.26 -8.99 2.90
C ASN A 138 1.06 -8.41 2.44
N GLY A 139 1.54 -8.90 1.29
CA GLY A 139 2.67 -8.32 0.58
C GLY A 139 2.09 -7.34 -0.39
N ALA A 140 2.16 -6.06 -0.09
CA ALA A 140 1.52 -5.06 -0.92
C ALA A 140 2.52 -4.23 -1.72
N LEU A 141 2.15 -3.96 -2.96
CA LEU A 141 2.81 -2.98 -3.79
C LEU A 141 1.71 -2.07 -4.33
N TYR A 142 1.77 -0.77 -4.01
CA TYR A 142 0.72 0.16 -4.39
C TYR A 142 1.21 1.61 -4.54
N PHE A 143 0.30 2.51 -4.95
CA PHE A 143 0.59 3.91 -5.23
C PHE A 143 -0.34 4.80 -4.43
N VAL A 144 0.23 5.85 -3.84
CA VAL A 144 -0.56 6.86 -3.12
C VAL A 144 -0.15 8.26 -3.59
N ALA A 145 -1.09 9.19 -3.56
CA ALA A 145 -0.82 10.57 -3.91
C ALA A 145 -0.08 11.38 -2.80
N MET A 146 1.11 10.95 -2.42
CA MET A 146 1.95 11.70 -1.49
C MET A 146 2.70 12.83 -2.20
N ASP A 147 3.09 13.85 -1.45
CA ASP A 147 4.01 14.86 -1.96
C ASP A 147 5.40 14.24 -2.17
N ALA A 148 6.01 14.58 -3.30
CA ALA A 148 7.34 14.12 -3.66
C ALA A 148 8.37 14.44 -2.58
N ASP A 149 8.21 15.57 -1.90
CA ASP A 149 9.20 15.97 -0.91
C ASP A 149 8.81 15.53 0.49
N GLY A 150 7.70 14.80 0.64
CA GLY A 150 7.31 14.27 1.92
C GLY A 150 6.70 15.30 2.86
N GLY A 151 6.38 16.48 2.32
CA GLY A 151 5.70 17.54 3.06
C GLY A 151 6.56 18.73 3.45
N VAL A 152 7.83 18.68 3.14
CA VAL A 152 8.74 19.68 3.69
C VAL A 152 8.42 21.12 3.25
N SER A 153 8.01 21.32 2.02
CA SER A 153 7.83 22.66 1.50
C SER A 153 6.56 23.32 2.06
N LYS A 154 5.60 22.48 2.46
CA LYS A 154 4.35 22.96 3.04
C LYS A 154 4.42 23.21 4.54
N TYR A 155 5.29 22.48 5.25
CA TYR A 155 5.26 22.36 6.71
C TYR A 155 6.63 22.57 7.30
N PRO A 156 6.95 23.81 7.68
CA PRO A 156 8.27 24.20 8.19
C PRO A 156 8.81 23.33 9.33
N ASN A 157 7.96 22.78 10.19
CA ASN A 157 8.45 21.93 11.28
C ASN A 157 8.82 20.51 10.88
N ASN A 158 8.48 20.11 9.66
CA ASN A 158 8.99 18.89 9.11
C ASN A 158 10.33 19.15 8.47
N LYS A 159 11.40 18.91 9.21
CA LYS A 159 12.74 19.04 8.68
C LYS A 159 13.37 17.72 8.25
N ALA A 160 12.63 16.62 8.37
CA ALA A 160 13.14 15.29 8.01
C ALA A 160 12.79 14.92 6.55
N GLY A 161 11.53 15.04 6.18
CA GLY A 161 11.12 14.85 4.80
C GLY A 161 11.22 13.41 4.26
N ALA A 162 11.26 13.34 2.94
CA ALA A 162 11.31 12.09 2.22
C ALA A 162 12.50 11.26 2.62
N LYS A 163 13.57 11.93 3.03
CA LYS A 163 14.79 11.23 3.41
C LYS A 163 14.53 10.27 4.58
N TYR A 164 13.54 10.60 5.41
CA TYR A 164 13.13 9.81 6.57
C TYR A 164 11.74 9.23 6.45
N GLY A 165 11.23 9.14 5.23
CA GLY A 165 9.93 8.54 4.97
C GLY A 165 8.72 9.25 5.57
N THR A 166 8.71 10.58 5.56
CA THR A 166 7.52 11.32 6.03
C THR A 166 6.49 11.49 4.92
N GLY A 167 5.29 11.86 5.35
CA GLY A 167 4.23 12.30 4.48
C GLY A 167 3.25 11.25 4.02
N TYR A 168 3.19 10.09 4.71
CA TYR A 168 2.29 9.02 4.28
C TYR A 168 0.84 9.47 4.33
N CYS A 169 0.08 8.90 3.39
CA CYS A 169 -1.38 9.00 3.34
C CYS A 169 -1.89 7.86 2.50
N ASP A 170 -3.10 7.38 2.79
CA ASP A 170 -3.78 6.45 1.89
C ASP A 170 -5.28 6.60 2.05
N SER A 171 -6.07 5.77 1.37
CA SER A 171 -7.52 5.88 1.41
C SER A 171 -8.18 5.53 2.76
N GLN A 172 -7.44 4.97 3.69
CA GLN A 172 -7.98 4.67 5.01
C GLN A 172 -7.90 5.87 5.95
N CYS A 173 -7.32 6.96 5.50
CA CYS A 173 -7.05 8.10 6.35
C CYS A 173 -6.44 7.72 7.73
N PRO A 174 -5.28 7.05 7.70
CA PRO A 174 -4.75 6.45 8.93
C PRO A 174 -4.48 7.48 10.00
N ARG A 175 -4.91 7.13 11.21
CA ARG A 175 -4.76 7.97 12.38
C ARG A 175 -3.73 7.40 13.32
N ASP A 176 -3.05 6.34 12.89
CA ASP A 176 -1.93 5.77 13.66
C ASP A 176 -0.55 6.41 13.41
N LEU A 177 -0.52 7.46 12.58
CA LEU A 177 0.72 8.11 12.21
C LEU A 177 1.16 9.08 13.29
N LYS A 178 2.40 8.96 13.73
CA LYS A 178 2.91 9.75 14.83
C LYS A 178 3.15 11.20 14.42
N PHE A 179 3.38 11.42 13.13
CA PHE A 179 3.64 12.75 12.57
C PHE A 179 2.86 12.99 11.28
N ILE A 180 2.07 14.06 11.30
CA ILE A 180 1.29 14.50 10.15
C ILE A 180 1.40 16.00 9.97
N ASP A 181 1.75 16.43 8.75
CA ASP A 181 1.77 17.86 8.41
C ASP A 181 2.64 18.66 9.38
N GLY A 182 3.80 18.12 9.72
CA GLY A 182 4.77 18.79 10.55
C GLY A 182 4.36 18.96 11.99
N GLU A 183 3.47 18.09 12.45
CA GLU A 183 3.05 18.07 13.82
C GLU A 183 2.88 16.65 14.32
N ALA A 184 3.20 16.43 15.60
CA ALA A 184 3.01 15.13 16.23
C ALA A 184 1.53 14.91 16.46
N ASN A 185 1.12 13.65 16.59
CA ASN A 185 -0.28 13.27 16.81
C ASN A 185 -0.51 12.99 18.30
N VAL A 186 -0.32 13.99 19.16
CA VAL A 186 -0.30 13.73 20.61
C VAL A 186 -1.60 14.08 21.31
N GLU A 187 -2.15 15.24 21.03
CA GLU A 187 -3.44 15.61 21.62
C GLU A 187 -4.45 14.62 21.02
N GLY A 188 -5.26 14.00 21.86
CA GLY A 188 -6.17 12.96 21.41
C GLY A 188 -5.59 11.56 21.27
N TRP A 189 -4.30 11.39 21.56
CA TRP A 189 -3.66 10.08 21.40
C TRP A 189 -4.23 9.05 22.38
N GLN A 190 -4.91 8.04 21.84
CA GLN A 190 -5.53 6.97 22.60
C GLN A 190 -4.78 5.65 22.36
N PRO A 191 -3.99 5.19 23.33
CA PRO A 191 -3.17 3.95 23.18
C PRO A 191 -3.98 2.67 22.95
N SER A 192 -3.40 1.76 22.15
CA SER A 192 -4.01 0.45 21.86
C SER A 192 -3.93 -0.49 23.07
N THR A 198 1.67 0.67 19.42
CA THR A 198 0.71 1.33 18.52
C THR A 198 -0.44 2.08 19.24
N GLY A 199 -1.11 2.94 18.48
CA GLY A 199 -2.19 3.77 18.99
C GLY A 199 -2.82 4.58 17.86
N ILE A 200 -3.87 5.34 18.18
CA ILE A 200 -4.51 6.22 17.20
C ILE A 200 -4.65 7.61 17.81
N GLY A 201 -4.63 8.67 16.99
CA GLY A 201 -4.76 10.04 17.46
C GLY A 201 -5.93 10.74 16.80
N ASP A 202 -6.12 12.03 17.09
CA ASP A 202 -7.20 12.80 16.46
C ASP A 202 -7.00 12.98 14.96
N HIS A 203 -5.75 13.14 14.52
CA HIS A 203 -5.48 13.47 13.12
C HIS A 203 -5.18 12.24 12.24
N GLY A 204 -5.67 12.29 11.01
CA GLY A 204 -5.39 11.27 10.01
C GLY A 204 -4.90 11.90 8.71
N SER A 205 -4.45 11.07 7.76
CA SER A 205 -3.83 11.54 6.51
C SER A 205 -4.43 10.81 5.31
N CYS A 206 -5.22 11.52 4.52
CA CYS A 206 -5.97 10.93 3.43
C CYS A 206 -5.36 11.22 2.11
N CYS A 207 -5.38 10.23 1.23
CA CYS A 207 -5.22 10.47 -0.20
C CYS A 207 -5.63 9.28 -1.02
N ALA A 208 -5.88 9.53 -2.29
CA ALA A 208 -6.20 8.46 -3.23
C ALA A 208 -5.12 7.41 -3.24
N GLU A 209 -5.54 6.19 -3.48
CA GLU A 209 -4.71 5.02 -3.35
C GLU A 209 -5.04 4.03 -4.47
N MET A 210 -4.05 3.65 -5.28
CA MET A 210 -4.23 2.60 -6.27
C MET A 210 -3.49 1.34 -5.78
N ASP A 211 -4.22 0.36 -5.28
CA ASP A 211 -3.62 -0.88 -4.81
C ASP A 211 -3.45 -1.85 -5.98
N VAL A 212 -2.26 -1.83 -6.54
CA VAL A 212 -1.92 -2.63 -7.70
C VAL A 212 -1.86 -4.10 -7.27
N TRP A 213 -1.39 -4.36 -6.06
CA TRP A 213 -1.11 -5.72 -5.65
C TRP A 213 -1.19 -5.83 -4.15
N GLU A 214 -2.11 -6.68 -3.69
CA GLU A 214 -2.26 -7.08 -2.29
C GLU A 214 -2.48 -8.56 -2.34
N ALA A 215 -1.61 -9.30 -1.68
CA ALA A 215 -1.50 -10.70 -1.99
C ALA A 215 -0.71 -11.46 -0.95
N ASN A 216 -1.02 -12.75 -0.89
CA ASN A 216 -0.15 -13.72 -0.30
C ASN A 216 -0.20 -14.91 -1.26
N SER A 217 0.16 -16.10 -0.80
CA SER A 217 0.19 -17.29 -1.67
C SER A 217 -1.19 -17.86 -1.94
N ILE A 218 -2.22 -17.35 -1.27
CA ILE A 218 -3.60 -17.85 -1.38
C ILE A 218 -4.50 -16.98 -2.28
N SER A 219 -4.44 -15.66 -2.08
CA SER A 219 -5.31 -14.71 -2.77
C SER A 219 -4.57 -13.42 -3.14
N ASN A 220 -5.07 -12.72 -4.16
CA ASN A 220 -4.67 -11.34 -4.49
C ASN A 220 -5.86 -10.47 -4.91
N ALA A 221 -5.65 -9.17 -4.84
CA ALA A 221 -6.66 -8.20 -5.25
C ALA A 221 -5.97 -6.97 -5.87
N VAL A 222 -6.62 -6.39 -6.88
CA VAL A 222 -6.25 -5.07 -7.39
C VAL A 222 -7.47 -4.17 -7.20
N THR A 223 -7.24 -2.98 -6.66
CA THR A 223 -8.31 -2.17 -6.10
C THR A 223 -7.98 -0.68 -6.13
N PRO A 224 -8.53 0.11 -7.05
CA PRO A 224 -8.47 1.57 -6.90
C PRO A 224 -9.39 2.10 -5.80
N HIS A 225 -8.92 3.11 -5.06
CA HIS A 225 -9.67 3.73 -4.00
C HIS A 225 -9.60 5.25 -4.21
N PRO A 226 -10.64 5.88 -4.77
CA PRO A 226 -10.65 7.34 -4.94
C PRO A 226 -10.99 8.12 -3.68
N CYS A 227 -10.52 9.36 -3.66
CA CYS A 227 -10.89 10.37 -2.66
C CYS A 227 -11.40 11.66 -3.31
N ASP A 228 -12.19 12.44 -2.55
CA ASP A 228 -12.75 13.69 -3.05
C ASP A 228 -11.65 14.68 -3.48
N THR A 229 -10.64 14.81 -2.63
CA THR A 229 -9.40 15.49 -2.93
C THR A 229 -8.37 14.41 -3.22
N PRO A 230 -7.84 14.35 -4.43
CA PRO A 230 -6.79 13.37 -4.72
C PRO A 230 -5.60 13.97 -4.02
N GLY A 231 -4.74 13.28 -3.36
CA GLY A 231 -3.64 14.08 -2.83
C GLY A 231 -3.85 14.47 -1.39
N GLN A 232 -2.73 14.66 -0.70
CA GLN A 232 -2.71 14.53 0.75
C GLN A 232 -3.53 15.59 1.46
N THR A 233 -4.37 15.13 2.35
CA THR A 233 -5.24 16.00 3.12
C THR A 233 -5.22 15.53 4.56
N MET A 234 -5.41 16.45 5.50
CA MET A 234 -5.55 16.07 6.90
C MET A 234 -7.04 15.90 7.21
N CYS A 235 -7.36 14.93 8.06
CA CYS A 235 -8.72 14.84 8.59
C CYS A 235 -8.65 14.79 10.12
N SER A 236 -9.80 14.79 10.79
CA SER A 236 -9.83 14.76 12.25
C SER A 236 -11.00 13.98 12.82
N GLY A 237 -10.73 13.25 13.89
CA GLY A 237 -11.71 12.48 14.61
C GLY A 237 -12.35 11.42 13.74
N ASP A 238 -13.58 11.07 14.07
CA ASP A 238 -14.31 10.02 13.37
C ASP A 238 -14.70 10.46 11.94
N ASP A 239 -14.57 11.75 11.64
CA ASP A 239 -14.77 12.27 10.26
C ASP A 239 -13.76 11.73 9.22
N CYS A 240 -12.65 11.18 9.70
CA CYS A 240 -11.64 10.55 8.86
C CYS A 240 -12.20 9.37 8.10
N GLY A 241 -13.10 8.64 8.73
CA GLY A 241 -13.55 7.36 8.18
C GLY A 241 -12.42 6.37 8.25
N GLY A 242 -12.53 5.30 7.49
CA GLY A 242 -11.48 4.31 7.40
C GLY A 242 -11.49 3.30 8.54
N THR A 243 -10.50 2.41 8.49
CA THR A 243 -10.29 1.34 9.46
C THR A 243 -10.43 1.76 10.94
N TYR A 244 -9.83 2.89 11.32
CA TYR A 244 -9.71 3.28 12.74
C TYR A 244 -10.88 4.08 13.31
N SER A 245 -11.56 4.83 12.46
CA SER A 245 -12.72 5.57 12.91
C SER A 245 -13.91 4.62 13.10
N ASN A 246 -14.96 5.14 13.72
CA ASN A 246 -16.15 4.36 14.10
C ASN A 246 -16.95 3.96 12.88
N ASP A 247 -17.31 4.96 12.09
CA ASP A 247 -17.98 4.73 10.82
C ASP A 247 -17.00 4.81 9.63
N ARG A 248 -16.66 3.63 9.14
CA ARG A 248 -15.92 3.41 7.90
C ARG A 248 -16.18 4.46 6.81
N TYR A 249 -17.46 4.76 6.58
CA TYR A 249 -17.93 5.53 5.42
C TYR A 249 -18.23 6.99 5.73
N ALA A 250 -17.68 7.51 6.82
CA ALA A 250 -17.92 8.90 7.22
C ALA A 250 -17.02 9.93 6.51
N GLY A 251 -15.97 9.45 5.85
CA GLY A 251 -14.92 10.33 5.38
C GLY A 251 -14.99 10.62 3.89
N THR A 252 -13.92 11.23 3.40
CA THR A 252 -13.81 11.68 2.03
C THR A 252 -13.19 10.66 1.08
N CYS A 253 -12.86 9.47 1.57
CA CYS A 253 -12.22 8.45 0.72
C CYS A 253 -12.99 7.14 0.71
N ASP A 254 -12.88 6.39 -0.37
CA ASP A 254 -13.50 5.11 -0.50
C ASP A 254 -12.60 4.05 0.18
N PRO A 255 -13.02 3.55 1.34
CA PRO A 255 -12.18 2.60 2.10
C PRO A 255 -12.20 1.16 1.57
N ASP A 256 -13.17 0.82 0.72
CA ASP A 256 -13.32 -0.52 0.20
C ASP A 256 -12.74 -0.59 -1.18
N GLY A 257 -13.15 0.35 -2.02
CA GLY A 257 -12.66 0.44 -3.38
C GLY A 257 -13.38 -0.53 -4.30
N CYS A 258 -13.07 -0.43 -5.59
CA CYS A 258 -13.58 -1.38 -6.57
C CYS A 258 -12.56 -2.47 -6.84
N ASP A 259 -12.83 -3.67 -6.33
CA ASP A 259 -11.81 -4.72 -6.27
C ASP A 259 -12.00 -5.83 -7.28
N PHE A 260 -10.89 -6.36 -7.73
CA PHE A 260 -10.90 -7.59 -8.49
C PHE A 260 -9.93 -8.55 -7.83
N ASN A 261 -10.51 -9.50 -7.13
CA ASN A 261 -9.84 -10.67 -6.58
C ASN A 261 -10.44 -11.83 -7.35
N PRO A 262 -9.66 -12.56 -8.16
CA PRO A 262 -10.23 -13.61 -8.98
C PRO A 262 -11.02 -14.68 -8.22
N TYR A 263 -10.67 -14.95 -6.95
CA TYR A 263 -11.39 -15.94 -6.16
C TYR A 263 -12.77 -15.44 -5.79
N ARG A 264 -12.82 -14.23 -5.27
CA ARG A 264 -14.06 -13.54 -4.97
C ARG A 264 -14.97 -13.38 -6.20
N MET A 265 -14.39 -13.33 -7.39
CA MET A 265 -15.18 -13.15 -8.61
C MET A 265 -15.57 -14.52 -9.17
N GLY A 266 -15.20 -15.60 -8.49
CA GLY A 266 -15.80 -16.89 -8.69
C GLY A 266 -14.94 -17.88 -9.42
N ASN A 267 -13.68 -17.52 -9.71
CA ASN A 267 -12.74 -18.48 -10.29
C ASN A 267 -11.77 -18.95 -9.22
N THR A 268 -11.99 -20.14 -8.69
CA THR A 268 -11.21 -20.60 -7.55
C THR A 268 -10.06 -21.46 -8.00
N SER A 269 -9.95 -21.73 -9.28
CA SER A 269 -8.79 -22.48 -9.75
C SER A 269 -7.74 -21.61 -10.46
N PHE A 270 -7.87 -20.29 -10.41
CA PHE A 270 -6.91 -19.44 -11.13
C PHE A 270 -5.60 -19.15 -10.36
N TYR A 271 -5.72 -18.76 -9.10
CA TYR A 271 -4.59 -18.26 -8.36
C TYR A 271 -4.39 -18.95 -7.02
N GLY A 272 -3.21 -19.51 -6.82
CA GLY A 272 -2.90 -20.18 -5.58
C GLY A 272 -1.85 -21.25 -5.76
N PRO A 273 -1.58 -22.03 -4.73
CA PRO A 273 -0.58 -23.08 -4.83
C PRO A 273 -1.04 -24.13 -5.83
N GLY A 274 -0.17 -24.44 -6.79
CA GLY A 274 -0.45 -25.41 -7.84
C GLY A 274 -1.42 -24.99 -8.94
N LYS A 275 -1.95 -23.78 -8.86
CA LYS A 275 -3.04 -23.35 -9.74
C LYS A 275 -2.49 -22.87 -11.07
N ILE A 276 -3.32 -22.18 -11.85
CA ILE A 276 -2.93 -21.65 -13.16
C ILE A 276 -1.78 -20.65 -12.97
N ILE A 277 -2.01 -19.62 -12.13
CA ILE A 277 -0.89 -18.90 -11.51
C ILE A 277 -0.53 -19.63 -10.23
N ASP A 278 0.59 -20.32 -10.29
CA ASP A 278 1.06 -21.22 -9.25
C ASP A 278 1.97 -20.44 -8.33
N THR A 279 1.47 -20.16 -7.13
CA THR A 279 2.16 -19.27 -6.21
C THR A 279 3.31 -19.89 -5.44
N THR A 280 3.65 -21.16 -5.72
CA THR A 280 4.90 -21.74 -5.18
C THR A 280 6.14 -21.31 -5.94
N LYS A 281 5.95 -20.62 -7.04
CA LYS A 281 7.04 -20.13 -7.89
C LYS A 281 6.82 -18.67 -8.20
N PRO A 282 7.89 -17.96 -8.59
CA PRO A 282 7.79 -16.55 -8.98
C PRO A 282 6.93 -16.34 -10.21
N PHE A 283 6.32 -15.18 -10.30
CA PHE A 283 5.65 -14.76 -11.51
C PHE A 283 5.70 -13.25 -11.65
N THR A 284 5.29 -12.76 -12.82
CA THR A 284 5.34 -11.39 -13.23
C THR A 284 3.92 -10.88 -13.25
N VAL A 285 3.70 -9.69 -12.72
CA VAL A 285 2.40 -9.05 -12.64
C VAL A 285 2.47 -7.77 -13.47
N VAL A 286 1.55 -7.62 -14.42
CA VAL A 286 1.50 -6.49 -15.34
C VAL A 286 0.15 -5.80 -15.19
N THR A 287 0.16 -4.48 -15.10
CA THR A 287 -1.05 -3.70 -14.89
C THR A 287 -1.01 -2.54 -15.84
N GLN A 288 -2.06 -2.38 -16.64
CA GLN A 288 -2.16 -1.29 -17.58
C GLN A 288 -3.24 -0.32 -17.17
N PHE A 289 -2.97 0.97 -17.34
CA PHE A 289 -3.92 2.03 -16.96
C PHE A 289 -4.37 2.76 -18.22
N LEU A 290 -5.49 2.33 -18.79
CA LEU A 290 -5.99 2.83 -20.06
C LEU A 290 -6.85 4.06 -19.88
N THR A 291 -6.74 5.02 -20.81
CA THR A 291 -7.64 6.19 -20.86
C THR A 291 -8.67 6.05 -21.99
N ASP A 292 -9.80 6.76 -21.90
CA ASP A 292 -10.86 6.68 -22.94
C ASP A 292 -10.36 6.95 -24.39
N ASP A 293 -9.44 7.90 -24.56
CA ASP A 293 -8.99 8.30 -25.91
C ASP A 293 -7.60 7.76 -26.32
N GLY A 294 -7.02 6.90 -25.49
CA GLY A 294 -5.68 6.38 -25.75
C GLY A 294 -4.54 7.36 -25.61
N THR A 295 -4.75 8.46 -24.88
CA THR A 295 -3.70 9.46 -24.64
C THR A 295 -3.45 9.72 -23.16
N ASP A 296 -2.36 10.43 -22.88
CA ASP A 296 -1.91 10.71 -21.53
C ASP A 296 -2.79 11.73 -20.79
N THR A 297 -3.63 12.46 -21.53
CA THR A 297 -4.43 13.54 -20.92
C THR A 297 -5.89 13.15 -20.69
N GLY A 298 -6.23 11.92 -21.11
CA GLY A 298 -7.59 11.43 -21.12
C GLY A 298 -8.05 10.97 -19.74
N THR A 299 -9.32 10.56 -19.69
CA THR A 299 -9.90 10.02 -18.47
C THR A 299 -9.53 8.56 -18.34
N LEU A 300 -9.18 8.16 -17.11
CA LEU A 300 -8.96 6.75 -16.80
C LEU A 300 -10.28 6.02 -17.02
N SER A 301 -10.21 4.91 -17.75
CA SER A 301 -11.40 4.20 -18.20
C SER A 301 -11.33 2.69 -17.93
N GLU A 302 -10.13 2.12 -17.93
CA GLU A 302 -9.98 0.69 -17.72
C GLU A 302 -8.62 0.34 -17.11
N ILE A 303 -8.62 -0.59 -16.17
CA ILE A 303 -7.39 -1.16 -15.60
C ILE A 303 -7.33 -2.63 -15.98
N LYS A 304 -6.28 -3.03 -16.68
CA LYS A 304 -6.15 -4.42 -17.18
C LYS A 304 -4.99 -5.10 -16.50
N ARG A 305 -5.05 -6.41 -16.41
CA ARG A 305 -4.05 -7.22 -15.70
C ARG A 305 -3.64 -8.42 -16.55
N PHE A 306 -2.33 -8.66 -16.67
CA PHE A 306 -1.78 -9.91 -17.22
C PHE A 306 -0.76 -10.45 -16.25
N TYR A 307 -0.58 -11.77 -16.24
CA TYR A 307 0.47 -12.43 -15.47
C TYR A 307 1.40 -13.13 -16.44
N ILE A 308 2.65 -13.36 -16.05
CA ILE A 308 3.57 -14.14 -16.86
C ILE A 308 4.23 -15.14 -15.94
N GLN A 309 4.07 -16.42 -16.24
CA GLN A 309 4.80 -17.46 -15.52
C GLN A 309 5.37 -18.45 -16.54
N ASN A 310 6.66 -18.78 -16.38
CA ASN A 310 7.41 -19.54 -17.39
C ASN A 310 7.23 -19.04 -18.84
N SER A 311 7.52 -17.75 -19.08
CA SER A 311 7.25 -17.08 -20.38
C SER A 311 5.83 -17.23 -21.03
N ASN A 312 4.86 -17.78 -20.30
CA ASN A 312 3.45 -17.84 -20.75
C ASN A 312 2.68 -16.61 -20.29
N VAL A 313 2.04 -15.93 -21.22
CA VAL A 313 1.25 -14.74 -20.92
C VAL A 313 -0.21 -15.13 -20.66
N ILE A 314 -0.70 -14.89 -19.44
CA ILE A 314 -2.00 -15.34 -19.01
C ILE A 314 -2.84 -14.16 -18.50
N PRO A 315 -3.92 -13.84 -19.17
CA PRO A 315 -4.77 -12.72 -18.75
C PRO A 315 -5.58 -13.01 -17.52
N GLN A 316 -5.94 -11.95 -16.81
CA GLN A 316 -6.87 -12.03 -15.73
C GLN A 316 -8.10 -12.84 -16.19
N PRO A 317 -8.56 -13.75 -15.33
CA PRO A 317 -9.77 -14.53 -15.65
C PRO A 317 -11.00 -13.63 -15.68
N ASN A 318 -11.98 -14.02 -16.48
CA ASN A 318 -13.29 -13.34 -16.47
C ASN A 318 -14.04 -13.59 -15.17
N SER A 319 -14.84 -12.61 -14.77
CA SER A 319 -15.76 -12.79 -13.69
C SER A 319 -16.69 -13.94 -14.05
N ASP A 320 -16.91 -14.82 -13.07
CA ASP A 320 -17.95 -15.83 -13.15
C ASP A 320 -19.06 -15.57 -12.15
N ILE A 321 -19.30 -14.30 -11.83
CA ILE A 321 -20.41 -13.91 -10.96
C ILE A 321 -21.57 -13.49 -11.85
N SER A 322 -22.78 -13.99 -11.54
CA SER A 322 -24.00 -13.70 -12.29
C SER A 322 -24.20 -12.20 -12.48
N GLY A 323 -24.27 -11.79 -13.75
CA GLY A 323 -24.60 -10.41 -14.09
C GLY A 323 -23.44 -9.45 -14.02
N VAL A 324 -22.23 -9.97 -13.75
CA VAL A 324 -21.01 -9.18 -13.64
C VAL A 324 -20.05 -9.74 -14.63
N THR A 325 -19.61 -8.89 -15.53
CA THR A 325 -18.99 -9.38 -16.74
C THR A 325 -17.57 -8.78 -16.93
N GLY A 326 -16.67 -9.59 -17.46
CA GLY A 326 -15.35 -9.12 -17.87
C GLY A 326 -14.22 -9.50 -16.94
N ASN A 327 -13.02 -9.02 -17.27
CA ASN A 327 -11.78 -9.33 -16.57
C ASN A 327 -10.95 -8.08 -16.28
N SER A 328 -11.62 -6.93 -16.29
CA SER A 328 -10.94 -5.67 -16.10
C SER A 328 -11.79 -4.72 -15.26
N ILE A 329 -11.17 -3.72 -14.67
CA ILE A 329 -11.90 -2.75 -13.89
C ILE A 329 -12.31 -1.62 -14.81
N THR A 330 -13.62 -1.38 -14.88
CA THR A 330 -14.24 -0.27 -15.62
C THR A 330 -15.41 0.19 -14.81
N THR A 331 -15.90 1.39 -15.07
CA THR A 331 -17.10 1.91 -14.38
C THR A 331 -18.25 0.91 -14.39
N GLU A 332 -18.44 0.26 -15.53
CA GLU A 332 -19.48 -0.74 -15.70
C GLU A 332 -19.26 -1.91 -14.77
N PHE A 333 -18.05 -2.46 -14.75
CA PHE A 333 -17.72 -3.56 -13.86
C PHE A 333 -17.97 -3.19 -12.41
N CYS A 334 -17.47 -2.03 -12.00
CA CYS A 334 -17.54 -1.61 -10.59
C CYS A 334 -18.97 -1.43 -10.08
N THR A 335 -19.82 -0.91 -10.94
CA THR A 335 -21.25 -0.71 -10.64
C THR A 335 -21.99 -2.04 -10.48
N ALA A 336 -21.74 -2.96 -11.41
CA ALA A 336 -22.32 -4.29 -11.42
C ALA A 336 -21.88 -5.15 -10.22
N GLN A 337 -20.59 -5.07 -9.87
CA GLN A 337 -20.07 -5.89 -8.78
C GLN A 337 -20.53 -5.37 -7.43
N LYS A 338 -20.65 -4.06 -7.23
CA LYS A 338 -21.19 -3.57 -5.96
C LYS A 338 -22.63 -4.03 -5.77
N GLN A 339 -23.40 -4.06 -6.87
CA GLN A 339 -24.83 -4.40 -6.81
C GLN A 339 -25.01 -5.88 -6.54
N ALA A 340 -24.22 -6.71 -7.21
CA ALA A 340 -24.36 -8.14 -7.10
C ALA A 340 -23.85 -8.69 -5.76
N PHE A 341 -23.02 -7.91 -5.05
CA PHE A 341 -22.50 -8.32 -3.75
C PHE A 341 -23.26 -7.63 -2.61
N GLY A 342 -24.07 -6.64 -2.95
CA GLY A 342 -24.78 -5.88 -1.93
C GLY A 342 -23.90 -5.02 -1.06
N ASP A 343 -22.77 -4.56 -1.59
CA ASP A 343 -21.89 -3.61 -0.89
C ASP A 343 -22.26 -2.18 -1.27
N THR A 344 -22.11 -1.28 -0.30
CA THR A 344 -22.34 0.14 -0.55
C THR A 344 -21.33 0.65 -1.60
N ASP A 345 -21.84 1.42 -2.55
CA ASP A 345 -21.06 1.92 -3.67
C ASP A 345 -20.42 3.27 -3.32
N ASP A 346 -19.43 3.21 -2.44
CA ASP A 346 -18.71 4.37 -1.98
C ASP A 346 -17.71 4.80 -3.05
N PHE A 347 -17.35 3.85 -3.90
CA PHE A 347 -16.48 4.08 -5.03
C PHE A 347 -17.03 5.17 -5.94
N SER A 348 -18.29 5.03 -6.31
CA SER A 348 -18.89 5.99 -7.24
C SER A 348 -19.27 7.28 -6.53
N GLN A 349 -19.50 7.20 -5.22
CA GLN A 349 -19.75 8.39 -4.42
C GLN A 349 -18.53 9.32 -4.37
N HIS A 350 -17.32 8.74 -4.39
CA HIS A 350 -16.11 9.56 -4.33
C HIS A 350 -15.44 9.70 -5.70
N GLY A 351 -16.22 9.50 -6.77
CA GLY A 351 -15.83 9.94 -8.10
C GLY A 351 -15.30 8.85 -9.00
N GLY A 352 -15.26 7.62 -8.50
CA GLY A 352 -14.89 6.46 -9.32
C GLY A 352 -13.56 6.59 -10.04
N LEU A 353 -13.50 6.06 -11.25
CA LEU A 353 -12.27 6.04 -12.02
C LEU A 353 -11.83 7.44 -12.50
N ALA A 354 -12.79 8.34 -12.72
CA ALA A 354 -12.46 9.71 -13.13
C ALA A 354 -11.62 10.40 -12.05
N LYS A 355 -12.00 10.19 -10.80
CA LYS A 355 -11.26 10.72 -9.66
C LYS A 355 -10.01 9.93 -9.27
N MET A 356 -9.97 8.64 -9.56
CA MET A 356 -8.73 7.89 -9.49
C MET A 356 -7.74 8.49 -10.51
N GLY A 357 -8.23 8.77 -11.71
CA GLY A 357 -7.43 9.39 -12.76
C GLY A 357 -6.87 10.76 -12.43
N ALA A 358 -7.66 11.61 -11.78
CA ALA A 358 -7.22 12.91 -11.33
C ALA A 358 -6.02 12.77 -10.42
N ALA A 359 -6.08 11.81 -9.51
CA ALA A 359 -4.95 11.54 -8.62
C ALA A 359 -3.75 11.04 -9.40
N MET A 360 -3.95 10.17 -10.37
CA MET A 360 -2.85 9.70 -11.19
C MET A 360 -2.14 10.86 -11.96
N GLN A 361 -2.91 11.88 -12.31
CA GLN A 361 -2.43 13.10 -12.98
C GLN A 361 -1.60 13.95 -12.03
N GLN A 362 -1.90 13.93 -10.74
CA GLN A 362 -1.10 14.63 -9.77
C GLN A 362 0.29 13.98 -9.60
N GLY A 363 0.41 12.71 -9.96
CA GLY A 363 1.64 11.97 -9.71
C GLY A 363 1.51 11.21 -8.41
N MET A 364 2.06 10.01 -8.39
CA MET A 364 1.90 9.10 -7.26
C MET A 364 3.20 8.43 -6.85
N VAL A 365 3.25 8.00 -5.60
CA VAL A 365 4.46 7.44 -5.00
C VAL A 365 4.33 5.90 -4.87
N LEU A 366 5.42 5.18 -5.19
CA LEU A 366 5.42 3.73 -5.13
C LEU A 366 5.73 3.25 -3.71
N VAL A 367 4.81 2.47 -3.15
CA VAL A 367 4.94 1.88 -1.82
C VAL A 367 5.08 0.37 -1.94
N MET A 368 6.05 -0.18 -1.22
CA MET A 368 6.19 -1.61 -1.04
C MET A 368 6.15 -1.94 0.45
N SER A 369 5.43 -3.01 0.79
CA SER A 369 5.00 -3.23 2.13
C SER A 369 4.79 -4.69 2.47
N LEU A 370 4.96 -5.02 3.75
CA LEU A 370 4.63 -6.33 4.29
C LEU A 370 3.98 -6.13 5.68
N TRP A 371 2.71 -6.48 5.80
CA TRP A 371 2.02 -6.24 7.06
C TRP A 371 1.01 -7.33 7.40
N ASP A 372 0.77 -7.47 8.70
CA ASP A 372 -0.38 -8.22 9.19
C ASP A 372 -1.39 -7.26 9.78
N ASP A 373 -2.59 -7.77 10.04
CA ASP A 373 -3.81 -6.96 10.16
C ASP A 373 -4.45 -7.20 11.53
N TYR A 374 -4.26 -6.26 12.43
CA TYR A 374 -4.79 -6.33 13.80
C TYR A 374 -6.32 -6.15 13.84
N ALA A 375 -6.91 -5.52 12.84
CA ALA A 375 -8.36 -5.22 12.83
C ALA A 375 -9.25 -6.33 12.28
N ALA A 376 -8.82 -6.95 11.19
CA ALA A 376 -9.64 -7.87 10.41
C ALA A 376 -8.89 -9.13 9.94
N GLN A 377 -7.65 -9.36 10.42
CA GLN A 377 -6.93 -10.65 10.25
C GLN A 377 -6.64 -11.03 8.78
N MET A 378 -6.67 -10.02 7.90
CA MET A 378 -6.61 -10.18 6.44
C MET A 378 -7.68 -11.09 5.85
N LEU A 379 -8.80 -11.29 6.55
CA LEU A 379 -9.85 -12.19 6.07
C LEU A 379 -10.59 -11.62 4.85
N TRP A 380 -10.67 -10.29 4.76
CA TRP A 380 -11.22 -9.63 3.55
C TRP A 380 -10.46 -10.00 2.29
N LEU A 381 -9.18 -10.39 2.45
CA LEU A 381 -8.38 -10.78 1.32
C LEU A 381 -8.42 -12.26 1.02
N ASP A 382 -8.32 -13.12 2.04
CA ASP A 382 -8.04 -14.54 1.80
C ASP A 382 -8.97 -15.55 2.48
N SER A 383 -10.08 -15.10 3.05
CA SER A 383 -11.01 -15.97 3.79
C SER A 383 -12.47 -15.67 3.43
N ASP A 384 -13.41 -16.04 4.28
CA ASP A 384 -14.80 -15.62 4.12
C ASP A 384 -14.87 -14.38 4.99
N TYR A 385 -15.24 -13.22 4.43
CA TYR A 385 -14.90 -12.04 5.21
C TYR A 385 -15.94 -11.74 6.23
N PRO A 386 -17.06 -11.11 5.91
CA PRO A 386 -17.97 -10.88 7.02
C PRO A 386 -18.14 -12.34 7.51
N THR A 387 -17.62 -12.65 8.69
CA THR A 387 -17.46 -14.04 9.15
C THR A 387 -18.78 -14.65 9.58
N ASP A 388 -19.69 -13.77 9.98
CA ASP A 388 -21.06 -14.10 10.38
C ASP A 388 -21.99 -14.01 9.16
N ALA A 389 -21.76 -14.87 8.16
CA ALA A 389 -22.45 -14.78 6.87
C ALA A 389 -22.21 -15.99 6.01
N ASP A 390 -23.16 -16.27 5.13
CA ASP A 390 -23.15 -17.51 4.36
C ASP A 390 -22.02 -17.50 3.28
N PRO A 391 -21.02 -18.39 3.39
CA PRO A 391 -19.92 -18.41 2.42
C PRO A 391 -20.31 -18.81 0.98
N THR A 392 -21.57 -19.18 0.76
CA THR A 392 -22.08 -19.48 -0.59
C THR A 392 -22.64 -18.25 -1.29
N THR A 393 -23.08 -17.22 -0.55
CA THR A 393 -23.56 -16.01 -1.21
C THR A 393 -22.41 -15.24 -1.89
N PRO A 394 -22.66 -14.80 -3.12
CA PRO A 394 -21.68 -14.00 -3.88
C PRO A 394 -20.95 -12.91 -3.09
N GLY A 395 -19.61 -13.02 -3.04
CA GLY A 395 -18.76 -11.95 -2.53
C GLY A 395 -18.21 -12.16 -1.12
N ILE A 396 -18.60 -13.26 -0.47
CA ILE A 396 -18.18 -13.53 0.90
C ILE A 396 -16.84 -14.23 0.87
N ALA A 397 -16.72 -15.22 -0.01
CA ALA A 397 -15.52 -16.02 -0.11
C ALA A 397 -14.49 -15.34 -1.01
N ARG A 398 -13.28 -15.15 -0.46
CA ARG A 398 -12.18 -14.46 -1.13
C ARG A 398 -10.91 -15.31 -1.21
N GLY A 399 -10.92 -16.43 -0.48
CA GLY A 399 -9.83 -17.38 -0.48
C GLY A 399 -10.08 -18.52 0.47
N THR A 400 -9.19 -19.52 0.46
CA THR A 400 -9.38 -20.78 1.20
C THR A 400 -8.95 -20.77 2.66
N CYS A 401 -8.54 -19.63 3.19
CA CYS A 401 -8.02 -19.59 4.54
C CYS A 401 -9.17 -19.76 5.52
N PRO A 402 -8.94 -20.45 6.63
CA PRO A 402 -9.98 -20.56 7.66
C PRO A 402 -10.18 -19.22 8.41
N THR A 403 -11.35 -19.02 8.99
CA THR A 403 -11.72 -17.75 9.61
C THR A 403 -11.04 -17.52 10.94
N ASP A 404 -10.35 -18.54 11.45
CA ASP A 404 -9.56 -18.35 12.67
C ASP A 404 -8.09 -17.97 12.38
N SER A 405 -7.75 -17.90 11.09
CA SER A 405 -6.41 -17.49 10.66
C SER A 405 -6.12 -15.98 10.75
N GLY A 406 -4.83 -15.67 10.80
CA GLY A 406 -4.38 -14.32 10.58
C GLY A 406 -4.27 -13.46 11.82
N VAL A 407 -4.52 -13.99 13.02
CA VAL A 407 -4.34 -13.14 14.19
C VAL A 407 -2.82 -12.88 14.39
N PRO A 408 -2.44 -11.61 14.52
CA PRO A 408 -1.03 -11.22 14.59
C PRO A 408 -0.16 -12.04 15.52
N SER A 409 -0.59 -12.26 16.76
CA SER A 409 0.22 -13.00 17.72
C SER A 409 0.45 -14.45 17.28
N ASP A 410 -0.44 -14.99 16.44
CA ASP A 410 -0.22 -16.33 15.86
C ASP A 410 0.81 -16.37 14.70
N VAL A 411 0.56 -15.55 13.67
CA VAL A 411 1.39 -15.54 12.48
C VAL A 411 2.81 -15.01 12.79
N GLU A 412 2.93 -14.04 13.69
CA GLU A 412 4.24 -13.52 14.08
C GLU A 412 5.07 -14.56 14.83
N SER A 413 4.42 -15.50 15.49
CA SER A 413 5.08 -16.52 16.27
C SER A 413 5.34 -17.79 15.44
N GLN A 414 4.43 -18.11 14.52
CA GLN A 414 4.52 -19.34 13.72
C GLN A 414 5.24 -19.19 12.40
N SER A 415 5.15 -18.01 11.80
CA SER A 415 5.78 -17.76 10.52
C SER A 415 6.65 -16.50 10.51
N PRO A 416 7.60 -16.38 11.44
CA PRO A 416 8.45 -15.17 11.53
C PRO A 416 9.38 -14.97 10.31
N ASN A 417 9.84 -16.07 9.74
CA ASN A 417 10.65 -16.05 8.50
C ASN A 417 9.87 -16.03 7.18
N SER A 418 8.61 -15.65 7.25
CA SER A 418 7.88 -15.28 6.05
C SER A 418 8.57 -14.09 5.41
N TYR A 419 8.45 -13.96 4.10
CA TYR A 419 8.98 -12.80 3.42
C TYR A 419 8.37 -12.65 2.04
N VAL A 420 8.56 -11.47 1.47
CA VAL A 420 8.17 -11.19 0.10
C VAL A 420 9.35 -10.58 -0.66
N THR A 421 9.47 -10.92 -1.93
CA THR A 421 10.52 -10.41 -2.79
C THR A 421 9.90 -9.77 -4.03
N TYR A 422 10.18 -8.49 -4.24
CA TYR A 422 9.78 -7.76 -5.44
C TYR A 422 11.03 -7.50 -6.28
N SER A 423 10.93 -7.70 -7.59
CA SER A 423 12.10 -7.51 -8.42
C SER A 423 11.74 -7.15 -9.86
N ASN A 424 12.72 -6.64 -10.58
CA ASN A 424 12.57 -6.36 -12.01
C ASN A 424 11.40 -5.44 -12.28
N ILE A 425 11.34 -4.34 -11.56
CA ILE A 425 10.33 -3.32 -11.80
C ILE A 425 10.57 -2.62 -13.13
N LYS A 426 9.52 -2.56 -13.94
CA LYS A 426 9.56 -1.89 -15.22
C LYS A 426 8.33 -1.02 -15.41
N PHE A 427 8.53 0.13 -16.06
CA PHE A 427 7.48 1.13 -16.27
C PHE A 427 7.62 1.70 -17.69
N GLY A 428 6.50 1.92 -18.36
CA GLY A 428 6.53 2.53 -19.67
C GLY A 428 5.16 2.66 -20.33
N PRO A 429 5.17 2.96 -21.63
CA PRO A 429 3.93 2.92 -22.42
C PRO A 429 3.33 1.53 -22.46
N ILE A 430 2.04 1.45 -22.74
CA ILE A 430 1.37 0.15 -22.90
C ILE A 430 2.07 -0.75 -23.90
N ASN A 431 2.24 -2.00 -23.48
CA ASN A 431 2.96 -3.06 -24.19
C ASN A 431 4.47 -2.91 -24.31
N SER A 432 5.09 -1.99 -23.56
CA SER A 432 6.55 -1.85 -23.58
C SER A 432 7.32 -2.74 -22.58
N THR A 433 6.67 -3.16 -21.49
CA THR A 433 7.36 -3.87 -20.40
C THR A 433 7.46 -5.38 -20.61
N PHE A 434 6.79 -5.87 -21.63
CA PHE A 434 6.80 -7.30 -21.94
C PHE A 434 6.39 -7.55 -23.41
N THR A 435 6.37 -8.83 -23.81
CA THR A 435 6.10 -9.22 -25.20
C THR A 435 4.74 -9.92 -25.31
C1 NAG B . -10.74 -19.75 -14.49
C2 NAG B . -11.67 -20.66 -15.30
C3 NAG B . -11.02 -21.35 -16.50
C4 NAG B . -10.10 -20.43 -17.25
C5 NAG B . -9.19 -19.72 -16.25
C6 NAG B . -8.17 -18.82 -16.96
C7 NAG B . -13.40 -21.66 -13.91
C8 NAG B . -13.55 -22.47 -12.63
N2 NAG B . -12.20 -21.72 -14.47
O3 NAG B . -12.03 -21.82 -17.37
O4 NAG B . -9.36 -21.22 -18.15
O5 NAG B . -9.99 -18.95 -15.37
O6 NAG B . -8.89 -17.81 -17.62
O7 NAG B . -14.33 -20.98 -14.38
C1 NAG B . -9.41 -20.68 -19.50
C2 NAG B . -8.27 -21.27 -20.32
C3 NAG B . -8.34 -20.80 -21.79
C4 NAG B . -9.73 -21.09 -22.35
C5 NAG B . -10.76 -20.43 -21.42
C6 NAG B . -12.21 -20.64 -21.86
C7 NAG B . -6.31 -21.90 -19.02
C8 NAG B . -4.82 -21.75 -19.01
N2 NAG B . -6.99 -20.97 -19.68
O3 NAG B . -7.38 -21.48 -22.56
O4 NAG B . -9.82 -20.66 -23.69
O5 NAG B . -10.63 -20.98 -20.12
O6 NAG B . -13.03 -19.71 -21.17
O7 NAG B . -6.85 -22.86 -18.44
C1 NAG C . -1.19 -3.83 -26.70
C2 NAG C . -1.99 -2.97 -27.69
C3 NAG C . -3.43 -3.46 -27.88
C4 NAG C . -3.51 -4.99 -28.04
C5 NAG C . -2.45 -5.76 -27.23
C6 NAG C . -2.29 -7.20 -27.73
C7 NAG C . -1.34 -0.62 -27.96
C8 NAG C . -1.81 0.80 -27.77
N2 NAG C . -2.02 -1.56 -27.30
O3 NAG C . -4.04 -2.85 -29.01
O4 NAG C . -4.82 -5.39 -27.66
O5 NAG C . -1.17 -5.15 -27.20
O6 NAG C . -1.42 -7.91 -26.87
O7 NAG C . -0.38 -0.86 -28.69
#